data_7BCP
#
_entry.id   7BCP
#
_cell.length_a   57.931
_cell.length_b   62.312
_cell.length_c   98.193
_cell.angle_alpha   90.000
_cell.angle_beta   90.000
_cell.angle_gamma   90.000
#
_symmetry.space_group_name_H-M   'P 21 21 21'
#
loop_
_entity.id
_entity.type
_entity.pdbx_description
1 polymer 'Putative TRAP transporter solute receptor DctP'
2 non-polymer 'D-gluconic acid'
3 water water
#
_entity_poly.entity_id   1
_entity_poly.type   'polypeptide(L)'
_entity_poly.pdbx_seq_one_letter_code
;MKRLKKTVASLTAVALLGMGSAAVWAKDIKPRIIRFGYGLADDSPTGKASAHFAEVVSKLSDGKMKVKTFGNGALGPDEQ
LINSLISGSGEITFVSTAPIASLIPEFGVFDLPFLFDNEKVADTVLDGPEGKKLLDKLPAKGLIGLNYWENGFRNITNSR
HEISKLDDIGGIKLRVMQNQVALSVFKGLGANAIPMPFTELFTALETKTVDGQENPLSTIQTSKFYEVQPYLTLSNHVYT
PFVFLASKKWFDQLSQDEKDVITQAAADSQAFQRKASRQGNEDALKYLKEHNVKVAEFSTEEREKIREKVAPIVESLKAK
IGKETVEGVLDAAKKASGA
;
_entity_poly.pdbx_strand_id   A
#
# COMPACT_ATOMS: atom_id res chain seq x y z
N ASP A 28 -0.39 -33.08 10.37
CA ASP A 28 -0.03 -33.39 8.97
C ASP A 28 0.72 -32.21 8.33
N ILE A 29 1.91 -31.93 8.86
CA ILE A 29 2.76 -30.83 8.43
C ILE A 29 4.13 -31.42 8.10
N LYS A 30 4.60 -31.19 6.87
CA LYS A 30 5.92 -31.67 6.47
C LYS A 30 6.89 -30.49 6.34
N PRO A 31 8.19 -30.70 6.53
CA PRO A 31 9.14 -29.57 6.46
C PRO A 31 9.04 -28.86 5.13
N ARG A 32 9.04 -27.53 5.18
CA ARG A 32 8.87 -26.72 3.99
C ARG A 32 9.56 -25.37 4.20
N ILE A 33 10.08 -24.81 3.11
CA ILE A 33 10.67 -23.47 3.13
C ILE A 33 9.86 -22.57 2.22
N ILE A 34 9.57 -21.38 2.71
CA ILE A 34 8.60 -20.46 2.14
C ILE A 34 9.29 -19.11 1.94
N ARG A 35 9.27 -18.60 0.72
CA ARG A 35 9.90 -17.32 0.41
C ARG A 35 8.88 -16.20 0.41
N PHE A 36 9.25 -15.08 1.02
CA PHE A 36 8.38 -13.93 1.31
C PHE A 36 9.22 -12.68 1.00
N GLY A 37 9.15 -12.23 -0.26
CA GLY A 37 9.78 -10.99 -0.67
C GLY A 37 8.86 -9.81 -0.49
N TYR A 38 9.43 -8.61 -0.45
CA TYR A 38 8.62 -7.41 -0.42
C TYR A 38 9.51 -6.21 -0.72
N GLY A 39 8.85 -5.07 -0.98
CA GLY A 39 9.51 -3.84 -1.39
C GLY A 39 10.01 -2.89 -0.31
N LEU A 40 9.21 -2.69 0.74
CA LEU A 40 9.58 -1.81 1.82
C LEU A 40 10.86 -2.29 2.51
N ALA A 41 11.50 -1.37 3.25
CA ALA A 41 12.68 -1.69 4.07
C ALA A 41 12.37 -2.72 5.15
N ASP A 42 13.43 -3.45 5.57
CA ASP A 42 13.25 -4.54 6.54
C ASP A 42 12.67 -4.03 7.85
N ASP A 43 13.05 -2.82 8.25
CA ASP A 43 12.70 -2.30 9.56
C ASP A 43 11.48 -1.37 9.50
N SER A 44 10.83 -1.27 8.34
CA SER A 44 9.51 -0.67 8.32
C SER A 44 8.55 -1.49 9.18
N PRO A 45 7.45 -0.90 9.61
CA PRO A 45 6.45 -1.71 10.35
C PRO A 45 6.04 -2.98 9.60
N THR A 46 5.78 -2.89 8.30
CA THR A 46 5.31 -4.10 7.61
C THR A 46 6.46 -5.08 7.42
N GLY A 47 7.68 -4.56 7.25
CA GLY A 47 8.84 -5.45 7.29
C GLY A 47 8.89 -6.29 8.55
N LYS A 48 8.77 -5.62 9.71
CA LYS A 48 8.73 -6.32 11.00
C LYS A 48 7.50 -7.22 11.13
N ALA A 49 6.37 -6.81 10.56
CA ALA A 49 5.21 -7.71 10.56
C ALA A 49 5.47 -8.96 9.71
N SER A 50 6.27 -8.86 8.65
CA SER A 50 6.61 -10.06 7.87
C SER A 50 7.48 -11.01 8.66
N ALA A 51 8.46 -10.49 9.43
CA ALA A 51 9.23 -11.32 10.36
C ALA A 51 8.35 -11.96 11.43
N HIS A 52 7.36 -11.21 11.95
CA HIS A 52 6.41 -11.80 12.89
C HIS A 52 5.64 -12.94 12.27
N PHE A 53 5.16 -12.77 11.03
CA PHE A 53 4.50 -13.86 10.30
C PHE A 53 5.40 -15.11 10.26
N ALA A 54 6.67 -14.94 9.92
CA ALA A 54 7.59 -16.08 9.86
C ALA A 54 7.69 -16.81 11.21
N GLU A 55 7.70 -16.06 12.32
CA GLU A 55 7.81 -16.65 13.65
C GLU A 55 6.56 -17.43 14.03
N VAL A 56 5.38 -16.88 13.71
CA VAL A 56 4.13 -17.55 14.03
C VAL A 56 3.97 -18.80 13.18
N VAL A 57 4.38 -18.72 11.91
CA VAL A 57 4.37 -19.91 11.06
C VAL A 57 5.26 -20.99 11.65
N SER A 58 6.49 -20.61 12.04
CA SER A 58 7.37 -21.56 12.73
C SER A 58 6.70 -22.15 13.98
N LYS A 59 6.18 -21.29 14.84
CA LYS A 59 5.59 -21.74 16.10
C LYS A 59 4.45 -22.71 15.84
N LEU A 60 3.59 -22.39 14.87
CA LEU A 60 2.39 -23.18 14.65
C LEU A 60 2.69 -24.52 14.01
N SER A 61 3.86 -24.65 13.38
CA SER A 61 4.23 -25.86 12.67
C SER A 61 5.37 -26.61 13.37
N ASP A 62 5.63 -26.29 14.63
CA ASP A 62 6.73 -26.88 15.41
C ASP A 62 8.06 -26.79 14.65
N GLY A 63 8.26 -25.65 14.00
CA GLY A 63 9.50 -25.35 13.32
C GLY A 63 9.65 -26.02 11.97
N LYS A 64 8.59 -26.67 11.48
CA LYS A 64 8.71 -27.41 10.23
C LYS A 64 8.53 -26.50 9.00
N MET A 65 7.70 -25.46 9.10
CA MET A 65 7.47 -24.53 8.00
C MET A 65 8.26 -23.26 8.28
N LYS A 66 9.29 -23.01 7.47
CA LYS A 66 10.24 -21.92 7.70
C LYS A 66 10.02 -20.86 6.63
N VAL A 67 9.65 -19.65 7.05
CA VAL A 67 9.46 -18.52 6.14
C VAL A 67 10.75 -17.73 6.11
N LYS A 68 11.23 -17.43 4.90
CA LYS A 68 12.43 -16.63 4.68
C LYS A 68 12.01 -15.31 4.05
N THR A 69 12.30 -14.23 4.75
CA THR A 69 11.89 -12.91 4.34
C THR A 69 13.00 -12.27 3.51
N PHE A 70 12.61 -11.68 2.40
CA PHE A 70 13.52 -10.90 1.55
C PHE A 70 12.98 -9.47 1.37
N GLY A 71 13.43 -8.56 2.24
CA GLY A 71 12.95 -7.20 2.23
C GLY A 71 13.67 -6.30 1.25
N ASN A 72 13.29 -5.04 1.27
CA ASN A 72 13.99 -3.98 0.54
C ASN A 72 14.09 -4.25 -0.96
N GLY A 73 13.08 -4.91 -1.52
CA GLY A 73 13.03 -5.14 -2.95
C GLY A 73 14.00 -6.18 -3.44
N ALA A 74 14.56 -7.00 -2.56
CA ALA A 74 15.56 -7.96 -3.00
C ALA A 74 14.99 -8.96 -4.03
N LEU A 75 13.68 -9.24 -3.98
CA LEU A 75 13.01 -10.08 -4.98
C LEU A 75 12.20 -9.28 -6.00
N GLY A 76 12.50 -7.99 -6.12
CA GLY A 76 11.90 -7.13 -7.12
C GLY A 76 10.70 -6.38 -6.57
N PRO A 77 10.14 -5.50 -7.38
CA PRO A 77 9.00 -4.69 -6.95
C PRO A 77 7.69 -5.46 -6.98
N ASP A 78 6.65 -4.77 -6.49
CA ASP A 78 5.33 -5.37 -6.35
C ASP A 78 4.93 -6.17 -7.59
N GLU A 79 5.18 -5.57 -8.76
CA GLU A 79 4.73 -6.14 -10.03
C GLU A 79 5.40 -7.49 -10.30
N GLN A 80 6.70 -7.58 -10.00
CA GLN A 80 7.47 -8.82 -10.11
C GLN A 80 7.03 -9.80 -9.02
N LEU A 81 6.79 -9.31 -7.80
CA LEU A 81 6.35 -10.20 -6.72
C LEU A 81 5.05 -10.88 -7.10
N ILE A 82 4.11 -10.06 -7.58
CA ILE A 82 2.83 -10.57 -8.08
C ILE A 82 3.05 -11.66 -9.12
N ASN A 83 3.91 -11.40 -10.11
CA ASN A 83 4.11 -12.40 -11.16
C ASN A 83 4.80 -13.65 -10.64
N SER A 84 5.65 -13.49 -9.63
CA SER A 84 6.33 -14.63 -9.01
C SER A 84 5.34 -15.57 -8.34
N LEU A 85 4.33 -14.99 -7.68
CA LEU A 85 3.33 -15.82 -7.00
C LEU A 85 2.44 -16.54 -8.01
N ILE A 86 2.06 -15.85 -9.09
CA ILE A 86 1.25 -16.49 -10.13
C ILE A 86 1.99 -17.68 -10.73
N SER A 87 3.26 -17.48 -11.11
CA SER A 87 4.03 -18.59 -11.68
C SER A 87 4.47 -19.59 -10.60
N GLY A 88 4.74 -19.16 -9.37
CA GLY A 88 5.14 -20.06 -8.30
C GLY A 88 6.61 -20.01 -7.87
N SER A 89 7.42 -19.15 -8.47
CA SER A 89 8.78 -18.94 -7.96
C SER A 89 8.77 -18.30 -6.56
N GLY A 90 7.70 -17.60 -6.19
CA GLY A 90 7.54 -17.10 -4.85
C GLY A 90 6.22 -17.58 -4.26
N GLU A 91 6.16 -17.59 -2.93
CA GLU A 91 5.03 -18.17 -2.21
C GLU A 91 4.13 -17.13 -1.57
N ILE A 92 4.72 -16.11 -0.97
CA ILE A 92 4.05 -15.17 -0.08
C ILE A 92 4.59 -13.79 -0.39
N THR A 93 3.73 -12.77 -0.37
CA THR A 93 4.18 -11.37 -0.38
C THR A 93 3.06 -10.47 0.17
N PHE A 94 3.39 -9.20 0.37
CA PHE A 94 2.37 -8.15 0.51
C PHE A 94 2.67 -7.11 -0.55
N VAL A 95 1.61 -6.55 -1.16
CA VAL A 95 1.71 -5.49 -2.17
C VAL A 95 0.59 -4.48 -1.95
N SER A 96 0.83 -3.28 -2.44
CA SER A 96 -0.21 -2.27 -2.52
C SER A 96 -1.29 -2.71 -3.49
N THR A 97 -2.50 -2.16 -3.28
CA THR A 97 -3.61 -2.53 -4.16
C THR A 97 -3.40 -1.98 -5.56
N ALA A 98 -2.64 -0.89 -5.68
CA ALA A 98 -2.58 -0.19 -6.97
C ALA A 98 -2.00 -1.06 -8.07
N PRO A 99 -0.89 -1.78 -7.91
CA PRO A 99 -0.42 -2.65 -9.00
C PRO A 99 -1.36 -3.80 -9.30
N ILE A 100 -2.28 -4.14 -8.39
CA ILE A 100 -3.25 -5.20 -8.69
C ILE A 100 -4.29 -4.70 -9.69
N ALA A 101 -4.53 -3.38 -9.77
CA ALA A 101 -5.45 -2.82 -10.74
C ALA A 101 -5.09 -3.20 -12.17
N SER A 102 -3.81 -3.45 -12.41
CA SER A 102 -3.27 -3.91 -13.68
C SER A 102 -3.72 -5.32 -14.02
N LEU A 103 -4.29 -6.03 -13.04
CA LEU A 103 -4.87 -7.35 -13.26
C LEU A 103 -6.38 -7.38 -13.11
N ILE A 104 -6.88 -6.68 -12.09
CA ILE A 104 -8.27 -6.65 -11.64
C ILE A 104 -8.58 -5.17 -11.42
N PRO A 105 -9.18 -4.49 -12.40
CA PRO A 105 -9.30 -3.03 -12.31
C PRO A 105 -10.09 -2.52 -11.09
N GLU A 106 -11.03 -3.30 -10.59
CA GLU A 106 -11.79 -2.87 -9.42
C GLU A 106 -10.88 -2.47 -8.27
N PHE A 107 -9.67 -3.05 -8.21
CA PHE A 107 -8.76 -2.69 -7.13
C PHE A 107 -8.28 -1.24 -7.21
N GLY A 108 -8.43 -0.61 -8.38
CA GLY A 108 -8.17 0.83 -8.54
C GLY A 108 -8.96 1.73 -7.60
N VAL A 109 -10.01 1.20 -6.95
CA VAL A 109 -10.89 2.06 -6.14
C VAL A 109 -10.09 2.77 -5.05
N PHE A 110 -9.06 2.10 -4.52
CA PHE A 110 -8.36 2.65 -3.37
C PHE A 110 -7.39 3.76 -3.69
N ASP A 111 -7.16 4.04 -4.95
CA ASP A 111 -6.38 5.19 -5.37
C ASP A 111 -7.23 6.46 -5.53
N LEU A 112 -8.55 6.36 -5.35
CA LEU A 112 -9.38 7.55 -5.30
C LEU A 112 -9.11 8.31 -3.99
N PRO A 113 -9.00 9.63 -4.05
CA PRO A 113 -8.67 10.40 -2.85
C PRO A 113 -9.82 10.43 -1.87
N PHE A 114 -9.47 10.44 -0.59
CA PHE A 114 -10.39 10.76 0.49
C PHE A 114 -11.51 9.74 0.61
N LEU A 115 -11.19 8.49 0.37
CA LEU A 115 -12.20 7.44 0.44
C LEU A 115 -12.60 7.17 1.89
N PHE A 116 -11.61 7.12 2.78
CA PHE A 116 -11.77 6.67 4.15
C PHE A 116 -11.37 7.80 5.10
N ASP A 117 -12.22 8.11 6.09
CA ASP A 117 -11.92 9.26 6.95
C ASP A 117 -10.81 8.93 7.93
N ASN A 118 -10.64 7.67 8.29
CA ASN A 118 -9.65 7.29 9.29
C ASN A 118 -9.43 5.78 9.19
N GLU A 119 -8.52 5.29 10.04
CA GLU A 119 -8.11 3.90 9.98
C GLU A 119 -9.24 2.96 10.38
N LYS A 120 -10.13 3.42 11.26
CA LYS A 120 -11.22 2.57 11.74
C LYS A 120 -12.21 2.25 10.63
N VAL A 121 -12.63 3.28 9.90
CA VAL A 121 -13.43 3.07 8.70
C VAL A 121 -12.72 2.10 7.75
N ALA A 122 -11.43 2.35 7.47
CA ALA A 122 -10.70 1.53 6.48
C ALA A 122 -10.72 0.06 6.89
N ASP A 123 -10.39 -0.22 8.16
CA ASP A 123 -10.50 -1.57 8.71
C ASP A 123 -11.89 -2.15 8.50
N THR A 124 -12.92 -1.41 8.92
CA THR A 124 -14.27 -1.94 8.82
C THR A 124 -14.64 -2.27 7.38
N VAL A 125 -14.36 -1.35 6.45
CA VAL A 125 -14.71 -1.58 5.05
C VAL A 125 -13.91 -2.76 4.49
N LEU A 126 -12.59 -2.78 4.74
CA LEU A 126 -11.73 -3.80 4.15
C LEU A 126 -12.05 -5.18 4.71
N ASP A 127 -12.34 -5.27 6.00
CA ASP A 127 -12.68 -6.54 6.59
C ASP A 127 -14.13 -6.92 6.33
N GLY A 128 -14.90 -6.06 5.66
CA GLY A 128 -16.31 -6.29 5.47
C GLY A 128 -16.59 -6.82 4.07
N PRO A 129 -17.88 -6.90 3.72
CA PRO A 129 -18.22 -7.50 2.41
C PRO A 129 -17.58 -6.80 1.22
N GLU A 130 -17.39 -5.48 1.25
CA GLU A 130 -16.82 -4.81 0.08
C GLU A 130 -15.36 -5.17 -0.11
N GLY A 131 -14.60 -5.29 0.99
CA GLY A 131 -13.24 -5.81 0.91
C GLY A 131 -13.20 -7.24 0.39
N LYS A 132 -14.14 -8.07 0.86
CA LYS A 132 -14.14 -9.49 0.50
C LYS A 132 -14.42 -9.69 -0.98
N LYS A 133 -15.41 -8.96 -1.52
CA LYS A 133 -15.70 -8.99 -2.95
C LYS A 133 -14.44 -8.83 -3.80
N LEU A 134 -13.55 -7.91 -3.42
CA LEU A 134 -12.31 -7.70 -4.20
C LEU A 134 -11.35 -8.89 -4.03
N LEU A 135 -11.06 -9.27 -2.78
CA LEU A 135 -10.23 -10.44 -2.51
C LEU A 135 -10.75 -11.66 -3.26
N ASP A 136 -12.08 -11.80 -3.38
CA ASP A 136 -12.64 -12.97 -4.08
C ASP A 136 -12.31 -13.01 -5.57
N LYS A 137 -11.84 -11.91 -6.17
CA LYS A 137 -11.46 -11.87 -7.58
C LYS A 137 -10.04 -12.35 -7.82
N LEU A 138 -9.27 -12.56 -6.76
CA LEU A 138 -7.87 -12.90 -6.93
C LEU A 138 -7.63 -14.33 -7.39
N PRO A 139 -8.38 -15.34 -6.92
CA PRO A 139 -8.07 -16.73 -7.33
C PRO A 139 -8.12 -16.99 -8.84
N ALA A 140 -9.05 -16.34 -9.55
CA ALA A 140 -9.08 -16.41 -11.00
C ALA A 140 -7.77 -15.95 -11.66
N LYS A 141 -6.96 -15.16 -10.95
CA LYS A 141 -5.70 -14.66 -11.48
C LYS A 141 -4.52 -15.43 -10.90
N GLY A 142 -4.78 -16.47 -10.13
CA GLY A 142 -3.74 -17.28 -9.55
C GLY A 142 -3.27 -16.83 -8.18
N LEU A 143 -4.05 -16.03 -7.48
CA LEU A 143 -3.64 -15.48 -6.21
C LEU A 143 -4.71 -15.71 -5.14
N ILE A 144 -4.25 -15.90 -3.91
CA ILE A 144 -5.14 -15.95 -2.75
C ILE A 144 -4.88 -14.68 -1.96
N GLY A 145 -5.94 -13.87 -1.76
CA GLY A 145 -5.89 -12.72 -0.84
C GLY A 145 -6.14 -13.16 0.61
N LEU A 146 -5.09 -13.42 1.38
CA LEU A 146 -5.29 -13.96 2.73
C LEU A 146 -6.00 -12.96 3.63
N ASN A 147 -5.62 -11.67 3.54
CA ASN A 147 -6.34 -10.54 4.16
C ASN A 147 -5.65 -9.22 3.78
N TYR A 148 -6.15 -8.11 4.28
CA TYR A 148 -5.59 -6.79 4.06
C TYR A 148 -4.73 -6.38 5.24
N TRP A 149 -3.58 -5.81 4.95
CA TRP A 149 -2.68 -5.12 5.86
C TRP A 149 -2.76 -3.63 5.53
N GLU A 150 -2.13 -2.81 6.36
CA GLU A 150 -2.23 -1.36 6.22
C GLU A 150 -0.92 -0.83 5.67
N ASN A 151 -0.98 -0.28 4.43
CA ASN A 151 0.06 0.64 3.96
C ASN A 151 -0.15 1.99 4.65
N GLY A 152 -1.22 2.72 4.28
CA GLY A 152 -1.73 3.80 5.11
C GLY A 152 -2.07 5.05 4.32
N PHE A 153 -2.28 6.14 5.07
CA PHE A 153 -2.53 7.47 4.47
C PHE A 153 -1.24 8.00 3.87
N ARG A 154 -1.34 8.44 2.61
CA ARG A 154 -0.19 8.92 1.88
C ARG A 154 -0.03 10.45 2.02
N ASN A 155 1.25 10.86 2.00
CA ASN A 155 1.68 12.24 2.19
C ASN A 155 2.70 12.62 1.14
N ILE A 156 2.57 13.85 0.67
CA ILE A 156 3.38 14.35 -0.44
C ILE A 156 4.72 14.87 0.08
N THR A 157 5.79 14.50 -0.63
CA THR A 157 7.16 14.93 -0.36
C THR A 157 7.72 15.41 -1.68
N ASN A 158 8.65 16.38 -1.61
CA ASN A 158 9.24 16.91 -2.83
C ASN A 158 10.47 17.72 -2.49
N SER A 159 11.25 18.03 -3.52
CA SER A 159 12.50 18.76 -3.35
C SER A 159 12.55 20.09 -4.10
N ARG A 160 11.42 20.58 -4.59
CA ARG A 160 11.44 21.81 -5.36
C ARG A 160 10.96 23.01 -4.55
N HIS A 161 9.86 22.88 -3.80
CA HIS A 161 9.34 23.93 -2.96
C HIS A 161 8.24 23.36 -2.08
N GLU A 162 7.97 24.06 -0.98
CA GLU A 162 6.84 23.73 -0.11
C GLU A 162 5.53 23.66 -0.89
N ILE A 163 4.72 22.63 -0.57
CA ILE A 163 3.38 22.45 -1.12
C ILE A 163 2.40 22.69 0.02
N SER A 164 1.79 23.89 0.02
CA SER A 164 0.78 24.29 1.00
C SER A 164 -0.56 24.62 0.36
N LYS A 165 -0.60 24.76 -0.96
CA LYS A 165 -1.78 25.14 -1.71
C LYS A 165 -1.88 24.20 -2.88
N LEU A 166 -3.12 23.92 -3.29
CA LEU A 166 -3.36 23.15 -4.51
C LEU A 166 -2.51 23.65 -5.66
N ASP A 167 -2.39 24.97 -5.80
CA ASP A 167 -1.67 25.54 -6.94
C ASP A 167 -0.20 25.16 -6.93
N ASP A 168 0.37 24.93 -5.75
CA ASP A 168 1.77 24.53 -5.63
C ASP A 168 2.05 23.19 -6.31
N ILE A 169 1.02 22.39 -6.56
CA ILE A 169 1.23 21.11 -7.24
C ILE A 169 1.50 21.31 -8.71
N GLY A 170 1.08 22.46 -9.24
CA GLY A 170 1.18 22.71 -10.66
C GLY A 170 2.57 22.53 -11.24
N GLY A 171 2.70 21.61 -12.18
CA GLY A 171 3.96 21.40 -12.83
C GLY A 171 4.95 20.53 -12.08
N ILE A 172 4.64 20.08 -10.88
CA ILE A 172 5.57 19.26 -10.10
C ILE A 172 5.71 17.88 -10.75
N LYS A 173 6.95 17.39 -10.89
CA LYS A 173 7.16 16.03 -11.42
C LYS A 173 7.02 15.06 -10.26
N LEU A 174 5.88 14.39 -10.17
CA LEU A 174 5.58 13.54 -9.02
C LEU A 174 5.48 12.08 -9.45
N ARG A 175 6.29 11.23 -8.84
CA ARG A 175 6.12 9.80 -9.04
C ARG A 175 4.79 9.33 -8.44
N VAL A 176 4.10 8.47 -9.19
CA VAL A 176 2.90 7.81 -8.74
C VAL A 176 3.06 6.29 -8.85
N MET A 177 2.19 5.56 -8.14
CA MET A 177 2.08 4.12 -8.37
C MET A 177 1.54 3.86 -9.78
N GLN A 178 1.71 2.62 -10.25
CA GLN A 178 1.61 2.29 -11.68
C GLN A 178 0.23 1.80 -12.06
N ASN A 179 -0.65 2.76 -12.33
CA ASN A 179 -2.08 2.57 -12.29
C ASN A 179 -2.73 3.77 -12.96
N GLN A 180 -3.75 3.55 -13.81
CA GLN A 180 -4.37 4.68 -14.49
C GLN A 180 -5.07 5.61 -13.51
N VAL A 181 -5.52 5.08 -12.38
CA VAL A 181 -6.23 5.92 -11.42
C VAL A 181 -5.27 6.88 -10.75
N ALA A 182 -4.15 6.36 -10.24
CA ALA A 182 -3.13 7.21 -9.65
C ALA A 182 -2.64 8.25 -10.65
N LEU A 183 -2.37 7.83 -11.89
CA LEU A 183 -1.88 8.77 -12.88
C LEU A 183 -2.91 9.87 -13.11
N SER A 184 -4.17 9.49 -13.36
CA SER A 184 -5.25 10.42 -13.64
C SER A 184 -5.53 11.36 -12.47
N VAL A 185 -5.60 10.84 -11.25
CA VAL A 185 -5.81 11.71 -10.09
C VAL A 185 -4.74 12.82 -10.04
N PHE A 186 -3.45 12.47 -10.13
CA PHE A 186 -2.47 13.53 -9.90
C PHE A 186 -2.29 14.45 -11.10
N LYS A 187 -2.46 13.91 -12.30
CA LYS A 187 -2.53 14.78 -13.48
C LYS A 187 -3.68 15.77 -13.33
N GLY A 188 -4.81 15.29 -12.81
CA GLY A 188 -5.96 16.14 -12.54
C GLY A 188 -5.66 17.23 -11.53
N LEU A 189 -4.69 17.02 -10.66
CA LEU A 189 -4.32 18.01 -9.66
C LEU A 189 -3.21 18.91 -10.13
N GLY A 190 -2.76 18.76 -11.37
CA GLY A 190 -1.80 19.67 -11.97
C GLY A 190 -0.39 19.14 -12.07
N ALA A 191 -0.13 17.96 -11.51
CA ALA A 191 1.22 17.41 -11.55
C ALA A 191 1.55 16.78 -12.91
N ASN A 192 2.84 16.67 -13.16
CA ASN A 192 3.42 15.72 -14.10
C ASN A 192 3.58 14.37 -13.38
N ALA A 193 2.60 13.49 -13.59
CA ALA A 193 2.52 12.23 -12.87
C ALA A 193 3.33 11.16 -13.60
N ILE A 194 4.32 10.60 -12.88
CA ILE A 194 5.32 9.74 -13.45
C ILE A 194 5.21 8.38 -12.77
N PRO A 195 4.53 7.41 -13.42
CA PRO A 195 4.46 6.06 -12.81
C PRO A 195 5.84 5.47 -12.77
N MET A 196 6.22 4.90 -11.62
CA MET A 196 7.50 4.23 -11.44
C MET A 196 7.35 3.13 -10.40
N PRO A 197 8.08 2.02 -10.57
CA PRO A 197 8.13 1.02 -9.48
C PRO A 197 8.76 1.60 -8.22
N PHE A 198 8.22 1.19 -7.06
CA PHE A 198 8.75 1.67 -5.78
C PHE A 198 10.26 1.46 -5.68
N THR A 199 10.75 0.41 -6.29
CA THR A 199 12.13 0.00 -6.07
C THR A 199 13.11 0.93 -6.78
N GLU A 200 12.63 1.74 -7.72
CA GLU A 200 13.50 2.70 -8.37
C GLU A 200 13.33 4.12 -7.79
N LEU A 201 12.57 4.26 -6.70
CA LEU A 201 12.10 5.58 -6.30
C LEU A 201 13.20 6.40 -5.60
N PHE A 202 13.92 5.80 -4.65
CA PHE A 202 14.93 6.57 -3.93
C PHE A 202 15.89 7.27 -4.91
N THR A 203 16.35 6.54 -5.93
CA THR A 203 17.30 7.08 -6.88
C THR A 203 16.68 8.20 -7.71
N ALA A 204 15.45 8.00 -8.19
CA ALA A 204 14.73 9.06 -8.90
C ALA A 204 14.64 10.33 -8.05
N LEU A 205 14.37 10.18 -6.76
CA LEU A 205 14.31 11.36 -5.91
C LEU A 205 15.68 12.01 -5.77
N GLU A 206 16.71 11.18 -5.57
CA GLU A 206 18.03 11.70 -5.26
C GLU A 206 18.63 12.42 -6.47
N THR A 207 18.46 11.83 -7.66
CA THR A 207 18.97 12.44 -8.89
C THR A 207 18.07 13.56 -9.40
N LYS A 208 16.96 13.82 -8.72
CA LYS A 208 15.97 14.82 -9.12
C LYS A 208 15.36 14.54 -10.48
N THR A 209 15.41 13.28 -10.94
CA THR A 209 14.66 12.88 -12.13
C THR A 209 13.18 13.14 -11.93
N VAL A 210 12.73 12.95 -10.70
CA VAL A 210 11.42 13.32 -10.21
C VAL A 210 11.61 14.32 -9.09
N ASP A 211 10.68 15.29 -8.99
CA ASP A 211 10.69 16.25 -7.88
C ASP A 211 10.22 15.62 -6.57
N GLY A 212 9.24 14.73 -6.63
CA GLY A 212 8.69 14.20 -5.39
C GLY A 212 7.97 12.88 -5.57
N GLN A 213 7.18 12.53 -4.57
CA GLN A 213 6.56 11.23 -4.37
C GLN A 213 5.50 11.43 -3.30
N GLU A 214 4.75 10.36 -3.00
CA GLU A 214 3.77 10.41 -1.93
C GLU A 214 3.61 9.01 -1.39
N ASN A 215 3.69 8.89 -0.06
CA ASN A 215 3.69 7.62 0.65
C ASN A 215 3.38 7.91 2.11
N PRO A 216 3.06 6.89 2.90
CA PRO A 216 2.94 7.09 4.35
C PRO A 216 4.27 7.47 4.99
N LEU A 217 4.13 8.09 6.17
CA LEU A 217 5.27 8.68 6.87
C LEU A 217 6.33 7.64 7.23
N SER A 218 5.91 6.46 7.66
CA SER A 218 6.89 5.45 8.07
C SER A 218 7.70 4.95 6.89
N THR A 219 7.10 4.98 5.69
CA THR A 219 7.85 4.64 4.48
C THR A 219 8.82 5.76 4.13
N ILE A 220 8.34 7.00 4.11
CA ILE A 220 9.21 8.15 3.93
C ILE A 220 10.42 8.05 4.86
N GLN A 221 10.18 7.69 6.13
CA GLN A 221 11.27 7.53 7.09
C GLN A 221 12.14 6.30 6.78
N THR A 222 11.54 5.09 6.79
CA THR A 222 12.39 3.90 6.76
C THR A 222 13.03 3.67 5.39
N SER A 223 12.47 4.20 4.30
CA SER A 223 13.17 4.17 3.01
C SER A 223 14.04 5.43 2.82
N LYS A 224 14.10 6.31 3.82
CA LYS A 224 15.02 7.45 3.87
C LYS A 224 14.74 8.49 2.78
N PHE A 225 13.50 8.58 2.33
CA PHE A 225 13.17 9.59 1.33
C PHE A 225 13.41 11.00 1.88
N TYR A 226 13.34 11.20 3.21
CA TYR A 226 13.58 12.53 3.78
C TYR A 226 15.01 13.01 3.50
N GLU A 227 15.96 12.09 3.34
CA GLU A 227 17.31 12.57 3.09
C GLU A 227 17.42 13.29 1.75
N VAL A 228 16.43 13.12 0.85
CA VAL A 228 16.49 13.73 -0.46
C VAL A 228 15.20 14.46 -0.77
N GLN A 229 14.40 14.75 0.27
CA GLN A 229 13.10 15.41 0.11
C GLN A 229 13.00 16.39 1.26
N PRO A 230 13.45 17.63 1.07
CA PRO A 230 13.38 18.63 2.16
C PRO A 230 11.96 19.04 2.56
N TYR A 231 10.95 18.80 1.72
CA TYR A 231 9.58 19.26 1.98
C TYR A 231 8.63 18.08 2.14
N LEU A 232 7.79 18.16 3.18
CA LEU A 232 6.73 17.20 3.47
C LEU A 232 5.41 17.92 3.67
N THR A 233 4.39 17.45 2.99
CA THR A 233 3.03 17.97 3.18
C THR A 233 2.17 16.86 3.78
N LEU A 234 1.56 17.14 4.94
CA LEU A 234 0.70 16.18 5.63
C LEU A 234 -0.70 16.19 4.99
N SER A 235 -0.77 15.70 3.75
CA SER A 235 -2.01 15.77 2.98
C SER A 235 -2.97 14.62 3.22
N ASN A 236 -2.45 13.46 3.64
CA ASN A 236 -3.27 12.26 3.87
C ASN A 236 -4.36 12.11 2.80
N HIS A 237 -3.95 12.23 1.54
CA HIS A 237 -4.89 12.41 0.44
C HIS A 237 -5.50 11.09 -0.04
N VAL A 238 -4.81 9.99 0.18
CA VAL A 238 -5.24 8.67 -0.28
C VAL A 238 -4.88 7.65 0.80
N TYR A 239 -5.70 6.62 0.95
CA TYR A 239 -5.40 5.49 1.83
C TYR A 239 -5.14 4.22 1.01
N THR A 240 -3.98 3.62 1.21
CA THR A 240 -3.62 2.43 0.47
C THR A 240 -3.68 1.21 1.37
N PRO A 241 -4.52 0.22 1.03
CA PRO A 241 -4.37 -1.09 1.66
C PRO A 241 -3.24 -1.85 1.03
N PHE A 242 -2.58 -2.67 1.84
CA PHE A 242 -1.80 -3.80 1.32
C PHE A 242 -2.73 -5.02 1.19
N VAL A 243 -2.45 -5.87 0.24
CA VAL A 243 -3.05 -7.19 0.21
C VAL A 243 -1.95 -8.16 0.61
N PHE A 244 -2.22 -8.98 1.63
CA PHE A 244 -1.35 -10.09 2.02
C PHE A 244 -1.72 -11.31 1.17
N LEU A 245 -0.78 -11.74 0.33
CA LEU A 245 -1.04 -12.63 -0.79
C LEU A 245 -0.31 -13.95 -0.62
N ALA A 246 -0.97 -15.03 -1.09
CA ALA A 246 -0.33 -16.33 -1.29
C ALA A 246 -0.48 -16.77 -2.76
N SER A 247 0.53 -17.46 -3.24
CA SER A 247 0.45 -18.11 -4.55
C SER A 247 -0.62 -19.21 -4.47
N LYS A 248 -1.63 -19.15 -5.35
CA LYS A 248 -2.68 -20.17 -5.32
C LYS A 248 -2.12 -21.52 -5.75
N LYS A 249 -1.25 -21.53 -6.75
CA LYS A 249 -0.63 -22.77 -7.17
C LYS A 249 0.09 -23.44 -6.00
N TRP A 250 0.87 -22.67 -5.25
CA TRP A 250 1.54 -23.23 -4.09
C TRP A 250 0.56 -23.57 -2.97
N PHE A 251 -0.35 -22.64 -2.65
CA PHE A 251 -1.31 -22.84 -1.57
C PHE A 251 -2.12 -24.13 -1.78
N ASP A 252 -2.54 -24.40 -3.03
CA ASP A 252 -3.45 -25.51 -3.29
C ASP A 252 -2.78 -26.86 -3.08
N GLN A 253 -1.46 -26.92 -3.27
CA GLN A 253 -0.67 -28.12 -3.04
C GLN A 253 -0.37 -28.36 -1.56
N LEU A 254 -0.72 -27.45 -0.66
CA LEU A 254 -0.48 -27.67 0.75
C LEU A 254 -1.56 -28.55 1.36
N SER A 255 -1.20 -29.26 2.43
CA SER A 255 -2.18 -30.02 3.19
C SER A 255 -3.10 -29.04 3.92
N GLN A 256 -4.28 -29.52 4.32
CA GLN A 256 -5.20 -28.64 5.04
C GLN A 256 -4.57 -28.18 6.34
N ASP A 257 -3.84 -29.05 7.04
CA ASP A 257 -3.13 -28.61 8.24
C ASP A 257 -2.13 -27.49 7.94
N GLU A 258 -1.50 -27.54 6.75
CA GLU A 258 -0.54 -26.52 6.37
C GLU A 258 -1.24 -25.21 5.98
N LYS A 259 -2.33 -25.32 5.22
CA LYS A 259 -3.11 -24.13 4.90
C LYS A 259 -3.54 -23.43 6.18
N ASP A 260 -3.91 -24.20 7.21
CA ASP A 260 -4.39 -23.60 8.46
C ASP A 260 -3.27 -22.80 9.16
N VAL A 261 -2.05 -23.33 9.17
CA VAL A 261 -0.93 -22.58 9.74
C VAL A 261 -0.84 -21.21 9.05
N ILE A 262 -0.93 -21.22 7.72
CA ILE A 262 -0.78 -19.97 6.97
C ILE A 262 -1.90 -19.00 7.30
N THR A 263 -3.16 -19.46 7.30
CA THR A 263 -4.30 -18.55 7.51
C THR A 263 -4.35 -18.06 8.96
N GLN A 264 -4.08 -18.97 9.92
CA GLN A 264 -4.01 -18.56 11.32
C GLN A 264 -2.89 -17.54 11.53
N ALA A 265 -1.68 -17.83 11.04
CA ALA A 265 -0.60 -16.86 11.13
C ALA A 265 -0.94 -15.54 10.41
N ALA A 266 -1.65 -15.62 9.27
CA ALA A 266 -2.11 -14.42 8.56
C ALA A 266 -3.04 -13.57 9.43
N ALA A 267 -3.94 -14.21 10.16
CA ALA A 267 -4.84 -13.48 11.05
C ALA A 267 -4.08 -12.85 12.22
N ASP A 268 -3.22 -13.62 12.89
CA ASP A 268 -2.33 -13.08 13.90
C ASP A 268 -1.54 -11.89 13.35
N SER A 269 -0.95 -12.05 12.16
CA SER A 269 -0.01 -11.04 11.70
C SER A 269 -0.71 -9.77 11.24
N GLN A 270 -1.95 -9.88 10.75
CA GLN A 270 -2.69 -8.68 10.38
C GLN A 270 -2.89 -7.76 11.58
N ALA A 271 -3.29 -8.31 12.72
CA ALA A 271 -3.48 -7.53 13.93
C ALA A 271 -2.17 -6.87 14.37
N PHE A 272 -1.09 -7.63 14.34
CA PHE A 272 0.25 -7.14 14.68
C PHE A 272 0.66 -6.03 13.71
N GLN A 273 0.49 -6.27 12.41
CA GLN A 273 0.88 -5.29 11.39
C GLN A 273 0.17 -3.99 11.59
N ARG A 274 -1.15 -4.04 11.80
CA ARG A 274 -1.91 -2.81 11.83
C ARG A 274 -1.54 -1.98 13.04
N LYS A 275 -1.37 -2.64 14.19
CA LYS A 275 -0.87 -1.97 15.39
C LYS A 275 0.53 -1.40 15.16
N ALA A 276 1.41 -2.16 14.50
CA ALA A 276 2.76 -1.66 14.26
C ALA A 276 2.75 -0.48 13.30
N SER A 277 1.86 -0.52 12.30
CA SER A 277 1.77 0.56 11.33
C SER A 277 1.34 1.87 11.99
N ARG A 278 0.37 1.81 12.90
CA ARG A 278 -0.19 3.00 13.51
C ARG A 278 0.80 3.63 14.50
N GLN A 279 1.45 2.79 15.31
CA GLN A 279 2.56 3.29 16.12
C GLN A 279 3.66 3.86 15.25
N GLY A 280 4.00 3.15 14.16
CA GLY A 280 5.05 3.61 13.27
C GLY A 280 4.75 4.95 12.65
N ASN A 281 3.48 5.21 12.36
CA ASN A 281 3.10 6.53 11.85
C ASN A 281 3.38 7.61 12.88
N GLU A 282 3.01 7.37 14.14
CA GLU A 282 3.24 8.32 15.23
C GLU A 282 4.74 8.56 15.39
N ASP A 283 5.53 7.48 15.41
CA ASP A 283 6.98 7.59 15.52
C ASP A 283 7.58 8.32 14.34
N ALA A 284 7.10 8.00 13.12
CA ALA A 284 7.67 8.63 11.93
C ALA A 284 7.46 10.15 11.96
N LEU A 285 6.26 10.59 12.33
CA LEU A 285 6.03 12.02 12.41
C LEU A 285 6.99 12.68 13.39
N LYS A 286 7.07 12.13 14.61
CA LYS A 286 8.03 12.63 15.60
C LYS A 286 9.45 12.75 15.03
N TYR A 287 9.94 11.67 14.43
CA TYR A 287 11.31 11.65 13.93
C TYR A 287 11.52 12.68 12.85
N LEU A 288 10.60 12.78 11.87
CA LEU A 288 10.81 13.68 10.75
C LEU A 288 10.80 15.14 11.21
N LYS A 289 9.94 15.46 12.19
CA LYS A 289 9.93 16.80 12.78
C LYS A 289 11.22 17.05 13.56
N GLU A 290 11.59 16.12 14.46
CA GLU A 290 12.82 16.30 15.25
C GLU A 290 14.07 16.39 14.36
N HIS A 291 14.01 15.81 13.15
CA HIS A 291 15.09 15.87 12.17
C HIS A 291 15.03 17.12 11.30
N ASN A 292 14.03 18.00 11.52
CA ASN A 292 13.91 19.31 10.87
C ASN A 292 13.59 19.21 9.37
N VAL A 293 12.83 18.19 8.99
CA VAL A 293 12.11 18.23 7.73
C VAL A 293 11.11 19.37 7.80
N LYS A 294 10.90 20.04 6.69
CA LYS A 294 9.97 21.17 6.63
C LYS A 294 8.57 20.64 6.35
N VAL A 295 7.67 20.80 7.32
CA VAL A 295 6.33 20.19 7.30
C VAL A 295 5.29 21.28 7.06
N ALA A 296 4.41 21.03 6.10
CA ALA A 296 3.29 21.89 5.79
C ALA A 296 2.01 21.06 5.75
N GLU A 297 0.89 21.78 5.79
CA GLU A 297 -0.43 21.18 5.65
C GLU A 297 -1.25 22.00 4.67
N PHE A 298 -2.39 21.44 4.23
CA PHE A 298 -3.36 22.16 3.43
C PHE A 298 -4.39 22.77 4.39
N SER A 299 -4.48 24.10 4.40
CA SER A 299 -5.47 24.79 5.22
C SER A 299 -6.89 24.33 4.86
N THR A 300 -7.85 24.79 5.67
CA THR A 300 -9.24 24.39 5.42
C THR A 300 -9.68 24.86 4.04
N GLU A 301 -9.27 26.09 3.66
CA GLU A 301 -9.66 26.62 2.36
C GLU A 301 -9.03 25.80 1.23
N GLU A 302 -7.73 25.52 1.33
CA GLU A 302 -7.02 24.75 0.30
C GLU A 302 -7.59 23.35 0.19
N ARG A 303 -7.93 22.73 1.34
CA ARG A 303 -8.57 21.42 1.32
C ARG A 303 -9.88 21.46 0.51
N GLU A 304 -10.67 22.52 0.65
CA GLU A 304 -11.90 22.49 -0.14
C GLU A 304 -11.63 22.79 -1.61
N LYS A 305 -10.61 23.56 -1.95
CA LYS A 305 -10.20 23.64 -3.35
C LYS A 305 -9.81 22.25 -3.88
N ILE A 306 -9.08 21.47 -3.07
CA ILE A 306 -8.69 20.14 -3.51
C ILE A 306 -9.92 19.29 -3.86
N ARG A 307 -10.90 19.26 -2.93
CA ARG A 307 -12.08 18.41 -3.15
C ARG A 307 -12.81 18.79 -4.43
N GLU A 308 -12.92 20.08 -4.73
CA GLU A 308 -13.63 20.52 -5.92
C GLU A 308 -12.89 20.09 -7.16
N LYS A 309 -11.57 20.23 -7.20
CA LYS A 309 -10.81 19.69 -8.34
C LYS A 309 -11.01 18.19 -8.46
N VAL A 310 -11.22 17.51 -7.33
CA VAL A 310 -11.18 16.06 -7.25
C VAL A 310 -12.46 15.43 -7.76
N ALA A 311 -13.61 16.05 -7.45
CA ALA A 311 -14.90 15.46 -7.76
C ALA A 311 -15.03 15.09 -9.23
N PRO A 312 -14.70 15.97 -10.19
CA PRO A 312 -15.05 15.65 -11.58
C PRO A 312 -14.40 14.39 -12.15
N ILE A 313 -13.11 14.09 -11.93
CA ILE A 313 -12.56 12.91 -12.62
C ILE A 313 -12.45 11.71 -11.66
N VAL A 314 -12.72 11.88 -10.36
CA VAL A 314 -13.25 10.79 -9.53
C VAL A 314 -14.48 10.25 -10.21
N GLU A 315 -15.43 11.15 -10.55
CA GLU A 315 -16.59 10.73 -11.32
C GLU A 315 -16.17 10.13 -12.65
N SER A 316 -15.19 10.77 -13.31
CA SER A 316 -14.75 10.27 -14.61
C SER A 316 -14.15 8.88 -14.49
N LEU A 317 -13.44 8.61 -13.39
CA LEU A 317 -12.70 7.36 -13.24
C LEU A 317 -13.56 6.18 -12.79
N LYS A 318 -14.82 6.38 -12.41
CA LYS A 318 -15.66 5.26 -11.99
C LYS A 318 -15.76 4.19 -13.09
N ALA A 319 -15.84 4.64 -14.36
CA ALA A 319 -15.98 3.71 -15.47
C ALA A 319 -14.73 2.85 -15.67
N LYS A 320 -13.56 3.35 -15.28
CA LYS A 320 -12.37 2.53 -15.42
C LYS A 320 -12.08 1.69 -14.17
N ILE A 321 -12.76 1.93 -13.05
CA ILE A 321 -12.65 1.08 -11.87
C ILE A 321 -13.77 0.03 -11.85
N GLY A 322 -15.03 0.48 -11.98
CA GLY A 322 -16.19 -0.35 -11.74
C GLY A 322 -17.17 0.43 -10.88
N LYS A 323 -18.24 0.93 -11.51
CA LYS A 323 -19.26 1.73 -10.84
C LYS A 323 -19.75 1.07 -9.55
N GLU A 324 -20.07 -0.22 -9.63
CA GLU A 324 -20.59 -0.95 -8.47
C GLU A 324 -19.57 -1.06 -7.33
N THR A 325 -18.29 -1.29 -7.66
CA THR A 325 -17.24 -1.29 -6.64
C THR A 325 -17.14 0.08 -5.97
N VAL A 326 -17.01 1.13 -6.79
CA VAL A 326 -16.85 2.47 -6.23
C VAL A 326 -18.02 2.83 -5.33
N GLU A 327 -19.26 2.65 -5.83
CA GLU A 327 -20.43 3.04 -5.04
C GLU A 327 -20.61 2.17 -3.80
N GLY A 328 -20.27 0.88 -3.91
CA GLY A 328 -20.36 -0.01 -2.76
C GLY A 328 -19.31 0.30 -1.71
N VAL A 329 -18.09 0.62 -2.14
CA VAL A 329 -17.10 1.01 -1.16
C VAL A 329 -17.52 2.31 -0.48
N LEU A 330 -17.99 3.28 -1.26
CA LEU A 330 -18.34 4.59 -0.71
C LEU A 330 -19.49 4.46 0.28
N ASP A 331 -20.45 3.58 -0.03
CA ASP A 331 -21.57 3.32 0.88
C ASP A 331 -21.11 2.61 2.15
N ALA A 332 -20.26 1.59 2.03
CA ALA A 332 -19.76 0.93 3.23
C ALA A 332 -19.00 1.92 4.12
N ALA A 333 -18.32 2.88 3.51
CA ALA A 333 -17.53 3.84 4.29
C ALA A 333 -18.44 4.81 5.04
N LYS A 334 -19.49 5.29 4.37
CA LYS A 334 -20.50 6.11 5.02
C LYS A 334 -21.10 5.39 6.23
N LYS A 335 -21.49 4.13 6.05
CA LYS A 335 -22.12 3.37 7.13
C LYS A 335 -21.17 3.17 8.30
N ALA A 336 -19.86 3.01 8.03
CA ALA A 336 -18.92 2.83 9.14
C ALA A 336 -18.53 4.15 9.81
N SER A 337 -18.72 5.27 9.12
CA SER A 337 -18.38 6.60 9.64
C SER A 337 -19.59 7.22 10.34
#